data_7P16
#
_entry.id   7P16
#
_cell.length_a   1.00
_cell.length_b   1.00
_cell.length_c   1.00
_cell.angle_alpha   90.00
_cell.angle_beta   90.00
_cell.angle_gamma   90.00
#
_symmetry.space_group_name_H-M   'P 1'
#
loop_
_entity.id
_entity.type
_entity.pdbx_description
1 polymer 'XK-related protein'
2 polymer Sybody
3 non-polymer 'DIUNDECYL PHOSPHATIDYL CHOLINE'
#
loop_
_entity_poly.entity_id
_entity_poly.type
_entity_poly.pdbx_seq_one_letter_code
_entity_poly.pdbx_strand_id
1 'polypeptide(L)'
;MKYTICNFMMSVLGIIIYVTDLVADIVLTVRYFYDGQYVFGVLTLSFVLCGTLIVHCFSYSWLKDDLKKAGGENEHYFLL
LHCLQGGVFTRYWFVLRTGYHVVFKHSHRTSNFMEEQTDPHKEAIDMATDLSMLRLFETYLEGCPQLILQLYAFLERGQA
NFSQYMVIMVSCCAISWSTVDYQIALRKSLPDKNLLRGFWPKLTYLFYKLFTLLSWMLSVVLLLFVDVRTVLLLLLFLWT
VGFIWAFINHTQFCNSLSMEFLYRLVVGFILVFTFFNIKGQNTKCPMSCYYTVRVLGTLGILTVFWIYPLSIFNSDYFIP
ISATIVLSLLFGIIFLGVYYGTYHPNINAGTQHDEPDGKAPQRDCRIRYFLMDA
;
A
2 'polypeptide(L)'
;SQVQLVESGGGSVQAGGSLRLSCAASGNIADIYYLGWFRQAPGKEREGVAALITYNGRTYYADSVKGRFTVSLDNAKNTV
YLQMNSLKPEDTALYYCAAAYNGLIAAPLKVTRYWYWGQGTQVTVS
;
B
#
loop_
_chem_comp.id
_chem_comp.type
_chem_comp.name
_chem_comp.formula
PLC non-polymer 'DIUNDECYL PHOSPHATIDYL CHOLINE' 'C32 H65 N O8 P 1'
#
# COMPACT_ATOMS: atom_id res chain seq x y z
N MET A 1 10.87 26.02 23.16
CA MET A 1 10.04 25.60 24.29
C MET A 1 8.88 26.57 24.53
N LYS A 2 8.88 27.68 23.78
CA LYS A 2 7.84 28.70 23.90
C LYS A 2 6.83 28.62 22.76
N TYR A 3 6.84 27.53 21.99
CA TYR A 3 5.97 27.35 20.82
C TYR A 3 6.14 28.51 19.84
N THR A 4 7.35 28.58 19.28
CA THR A 4 7.70 29.65 18.36
C THR A 4 6.85 29.60 17.09
N ILE A 5 7.05 30.61 16.25
CA ILE A 5 6.37 30.63 14.95
C ILE A 5 6.86 29.48 14.07
N CYS A 6 8.14 29.12 14.19
CA CYS A 6 8.73 28.17 13.25
C CYS A 6 8.02 26.82 13.28
N ASN A 7 7.73 26.30 14.47
CA ASN A 7 7.04 25.02 14.56
C ASN A 7 5.54 25.17 14.33
N PHE A 8 5.01 26.39 14.36
CA PHE A 8 3.59 26.57 14.04
C PHE A 8 3.30 26.16 12.60
N MET A 9 4.20 26.48 11.67
CA MET A 9 4.05 25.97 10.31
C MET A 9 4.13 24.46 10.28
N MET A 10 4.92 23.87 11.17
CA MET A 10 4.97 22.42 11.28
C MET A 10 3.61 21.85 11.71
N SER A 11 2.93 22.52 12.64
CA SER A 11 1.63 22.04 13.11
C SER A 11 0.55 22.22 12.05
N VAL A 12 0.48 23.40 11.44
CA VAL A 12 -0.57 23.66 10.45
C VAL A 12 -0.35 22.81 9.20
N LEU A 13 0.90 22.41 8.95
CA LEU A 13 1.18 21.51 7.84
C LEU A 13 0.47 20.16 8.01
N GLY A 14 0.06 19.83 9.23
CA GLY A 14 -0.58 18.54 9.46
C GLY A 14 -1.86 18.36 8.67
N ILE A 15 -2.74 19.36 8.72
CA ILE A 15 -4.04 19.23 8.07
C ILE A 15 -3.89 19.10 6.56
N ILE A 16 -3.14 20.01 5.94
CA ILE A 16 -2.94 19.93 4.50
C ILE A 16 -2.20 18.65 4.13
N ILE A 17 -1.72 17.91 5.13
CA ILE A 17 -1.40 16.51 4.93
C ILE A 17 -2.56 15.62 5.38
N TYR A 18 -3.09 15.90 6.58
CA TYR A 18 -4.13 15.04 7.15
C TYR A 18 -5.42 15.08 6.32
N VAL A 19 -5.93 16.28 6.05
CA VAL A 19 -7.21 16.37 5.36
C VAL A 19 -7.07 15.87 3.92
N THR A 20 -5.92 16.13 3.31
CA THR A 20 -5.65 15.56 1.99
C THR A 20 -5.55 14.06 2.06
N ASP A 21 -4.92 13.54 3.12
CA ASP A 21 -4.90 12.09 3.34
C ASP A 21 -6.32 11.55 3.52
N LEU A 22 -7.14 12.26 4.29
CA LEU A 22 -8.50 11.81 4.53
C LEU A 22 -9.34 11.89 3.26
N VAL A 23 -9.25 13.00 2.52
CA VAL A 23 -10.06 13.14 1.32
C VAL A 23 -9.56 12.21 0.22
N ALA A 24 -8.26 11.94 0.19
CA ALA A 24 -7.74 11.00 -0.81
C ALA A 24 -8.29 9.59 -0.58
N ASP A 25 -8.37 9.16 0.68
CA ASP A 25 -8.87 7.82 0.96
C ASP A 25 -10.33 7.67 0.56
N ILE A 26 -11.16 8.66 0.89
CA ILE A 26 -12.59 8.55 0.58
C ILE A 26 -12.83 8.66 -0.92
N VAL A 27 -12.09 9.54 -1.62
CA VAL A 27 -12.26 9.67 -3.06
C VAL A 27 -11.73 8.44 -3.77
N LEU A 28 -10.68 7.83 -3.23
CA LEU A 28 -10.09 6.66 -3.88
C LEU A 28 -10.94 5.41 -3.66
N THR A 29 -11.50 5.25 -2.46
CA THR A 29 -12.24 4.02 -2.16
C THR A 29 -13.50 3.92 -3.01
N VAL A 30 -14.23 5.03 -3.18
CA VAL A 30 -15.44 4.98 -3.99
C VAL A 30 -15.09 4.72 -5.44
N ARG A 31 -13.91 5.18 -5.88
CA ARG A 31 -13.47 4.95 -7.25
C ARG A 31 -13.28 3.46 -7.52
N TYR A 32 -12.81 2.72 -6.51
CA TYR A 32 -12.66 1.28 -6.67
C TYR A 32 -14.01 0.59 -6.85
N PHE A 33 -15.01 0.99 -6.06
CA PHE A 33 -16.36 0.47 -6.30
C PHE A 33 -16.94 1.00 -7.61
N TYR A 34 -16.46 2.16 -8.05
CA TYR A 34 -16.93 2.69 -9.33
C TYR A 34 -16.34 1.93 -10.51
N ASP A 35 -15.13 1.39 -10.34
CA ASP A 35 -14.49 0.57 -11.37
C ASP A 35 -14.69 -0.92 -11.15
N GLY A 36 -15.39 -1.32 -10.10
CA GLY A 36 -15.66 -2.71 -9.82
C GLY A 36 -14.68 -3.40 -8.91
N GLN A 37 -13.57 -2.75 -8.56
CA GLN A 37 -12.59 -3.36 -7.66
C GLN A 37 -13.10 -3.31 -6.23
N TYR A 38 -14.05 -4.19 -5.91
CA TYR A 38 -14.69 -4.16 -4.58
C TYR A 38 -13.70 -4.51 -3.48
N VAL A 39 -12.81 -5.47 -3.73
CA VAL A 39 -11.95 -5.99 -2.67
C VAL A 39 -11.02 -4.89 -2.15
N PHE A 40 -10.34 -4.19 -3.06
CA PHE A 40 -9.42 -3.15 -2.63
C PHE A 40 -10.17 -1.99 -1.97
N GLY A 41 -11.31 -1.59 -2.55
CA GLY A 41 -12.01 -0.43 -2.05
C GLY A 41 -12.52 -0.60 -0.62
N VAL A 42 -13.14 -1.74 -0.34
CA VAL A 42 -13.67 -1.98 1.00
C VAL A 42 -12.53 -2.17 1.99
N LEU A 43 -11.41 -2.75 1.54
CA LEU A 43 -10.30 -3.01 2.45
C LEU A 43 -9.47 -1.77 2.72
N THR A 44 -9.35 -0.88 1.73
CA THR A 44 -8.64 0.38 1.96
C THR A 44 -9.46 1.33 2.82
N LEU A 45 -10.78 1.24 2.74
CA LEU A 45 -11.64 2.02 3.64
C LEU A 45 -11.65 1.42 5.04
N SER A 46 -11.31 0.14 5.16
CA SER A 46 -11.21 -0.47 6.49
C SER A 46 -10.10 0.18 7.31
N PHE A 47 -8.99 0.54 6.67
CA PHE A 47 -7.89 1.18 7.38
C PHE A 47 -8.30 2.53 7.95
N VAL A 48 -8.95 3.37 7.13
CA VAL A 48 -9.34 4.70 7.61
C VAL A 48 -10.43 4.59 8.66
N LEU A 49 -11.35 3.64 8.50
CA LEU A 49 -12.36 3.41 9.52
C LEU A 49 -11.71 2.94 10.82
N CYS A 50 -10.75 2.03 10.72
CA CYS A 50 -10.04 1.57 11.91
C CYS A 50 -9.02 2.59 12.37
N GLY A 51 -8.42 3.33 11.44
CA GLY A 51 -7.39 4.29 11.80
C GLY A 51 -7.93 5.41 12.69
N THR A 52 -9.07 5.98 12.30
CA THR A 52 -9.65 7.03 13.12
C THR A 52 -10.31 6.46 14.37
N LEU A 53 -10.70 5.18 14.34
CA LEU A 53 -11.31 4.57 15.51
C LEU A 53 -10.29 4.33 16.61
N ILE A 54 -9.08 3.88 16.24
CA ILE A 54 -8.06 3.59 17.22
C ILE A 54 -7.63 4.85 17.95
N VAL A 55 -7.39 5.93 17.20
CA VAL A 55 -6.98 7.19 17.83
C VAL A 55 -8.13 7.77 18.65
N HIS A 56 -9.36 7.60 18.18
CA HIS A 56 -10.52 8.09 18.93
C HIS A 56 -10.64 7.36 20.27
N CYS A 57 -10.41 6.05 20.28
CA CYS A 57 -10.44 5.31 21.54
C CYS A 57 -9.36 5.83 22.48
N PHE A 58 -8.16 6.09 21.95
CA PHE A 58 -7.13 6.76 22.74
C PHE A 58 -7.55 8.19 23.07
N SER A 59 -8.24 8.85 22.13
CA SER A 59 -8.67 10.23 22.36
C SER A 59 -9.62 10.32 23.54
N TYR A 60 -10.60 9.41 23.60
CA TYR A 60 -11.56 9.43 24.71
C TYR A 60 -10.87 9.15 26.03
N SER A 61 -9.94 8.19 26.06
CA SER A 61 -9.24 7.87 27.29
C SER A 61 -8.40 9.04 27.76
N TRP A 62 -7.67 9.69 26.84
CA TRP A 62 -6.88 10.85 27.22
C TRP A 62 -7.75 12.02 27.64
N LEU A 63 -8.85 12.25 26.91
CA LEU A 63 -9.75 13.35 27.25
C LEU A 63 -10.41 13.11 28.60
N LYS A 64 -10.88 11.88 28.85
CA LYS A 64 -11.53 11.58 30.11
C LYS A 64 -10.54 11.72 31.27
N ASP A 65 -9.31 11.23 31.08
CA ASP A 65 -8.30 11.34 32.13
C ASP A 65 -7.99 12.80 32.45
N ASP A 66 -7.95 13.64 31.44
CA ASP A 66 -7.65 15.06 31.61
C ASP A 66 -8.88 15.89 31.95
N LEU A 67 -10.06 15.28 32.01
CA LEU A 67 -11.29 16.00 32.36
C LEU A 67 -11.98 15.34 33.55
N LEU A 81 -23.84 10.94 23.59
CA LEU A 81 -23.53 10.54 22.22
C LEU A 81 -22.59 11.55 21.56
N HIS A 82 -22.64 12.79 22.03
CA HIS A 82 -21.78 13.83 21.47
C HIS A 82 -20.31 13.54 21.73
N CYS A 83 -19.98 13.01 22.91
CA CYS A 83 -18.59 12.70 23.24
C CYS A 83 -18.04 11.59 22.34
N LEU A 84 -18.91 10.76 21.76
CA LEU A 84 -18.44 9.69 20.90
C LEU A 84 -17.75 10.24 19.66
N GLN A 85 -18.32 11.28 19.05
CA GLN A 85 -17.70 11.91 17.89
C GLN A 85 -16.74 13.03 18.25
N GLY A 86 -16.58 13.33 19.54
CA GLY A 86 -15.63 14.34 19.97
C GLY A 86 -14.22 13.80 20.07
N GLY A 87 -13.57 13.60 18.93
CA GLY A 87 -12.26 13.00 18.91
C GLY A 87 -11.13 13.94 18.54
N VAL A 88 -10.43 13.61 17.45
CA VAL A 88 -9.23 14.38 17.08
C VAL A 88 -9.61 15.78 16.62
N PHE A 89 -10.74 15.91 15.92
CA PHE A 89 -11.14 17.22 15.40
C PHE A 89 -11.39 18.20 16.55
N THR A 90 -12.08 17.75 17.59
CA THR A 90 -12.29 18.62 18.75
C THR A 90 -10.98 18.95 19.44
N ARG A 91 -10.08 17.97 19.57
CA ARG A 91 -8.77 18.23 20.14
C ARG A 91 -7.96 19.18 19.26
N TYR A 92 -7.99 18.96 17.96
CA TYR A 92 -7.16 19.76 17.07
C TYR A 92 -7.60 21.21 17.00
N TRP A 93 -8.90 21.47 17.12
CA TRP A 93 -9.38 22.86 17.04
C TRP A 93 -8.91 23.68 18.22
N PHE A 94 -8.74 23.06 19.39
CA PHE A 94 -8.36 23.80 20.58
C PHE A 94 -6.96 24.40 20.46
N VAL A 95 -6.00 23.63 19.97
CA VAL A 95 -4.62 24.10 19.94
C VAL A 95 -4.45 25.23 18.93
N LEU A 96 -5.13 25.13 17.78
CA LEU A 96 -5.06 26.22 16.80
C LEU A 96 -5.84 27.43 17.27
N ARG A 97 -6.89 27.22 18.07
CA ARG A 97 -7.59 28.36 18.68
C ARG A 97 -6.63 29.16 19.56
N THR A 98 -5.83 28.46 20.36
CA THR A 98 -4.76 29.13 21.10
C THR A 98 -3.59 29.46 20.18
N GLY A 99 -3.31 28.59 19.20
CA GLY A 99 -2.20 28.83 18.30
C GLY A 99 -2.37 30.08 17.46
N TYR A 100 -3.61 30.39 17.07
CA TYR A 100 -3.87 31.64 16.36
C TYR A 100 -3.55 32.83 17.23
N HIS A 101 -3.88 32.76 18.52
CA HIS A 101 -3.52 33.83 19.45
C HIS A 101 -2.01 33.92 19.62
N VAL A 102 -1.31 32.79 19.52
CA VAL A 102 0.14 32.81 19.62
C VAL A 102 0.74 33.67 18.52
N VAL A 103 0.24 33.50 17.29
CA VAL A 103 0.63 34.39 16.20
C VAL A 103 0.16 35.82 16.49
N PHE A 104 -1.02 35.95 17.10
CA PHE A 104 -1.55 37.28 17.41
C PHE A 104 -0.65 38.02 18.39
N LYS A 105 -0.16 37.35 19.42
CA LYS A 105 0.74 37.98 20.38
C LYS A 105 2.13 37.35 20.28
N ASP A 119 0.42 30.42 32.53
CA ASP A 119 1.43 30.12 31.50
C ASP A 119 0.78 29.42 30.31
N PRO A 120 0.23 30.21 29.38
CA PRO A 120 -0.35 29.60 28.17
C PRO A 120 0.66 28.85 27.33
N HIS A 121 1.94 29.23 27.39
CA HIS A 121 2.96 28.54 26.61
C HIS A 121 3.12 27.09 27.06
N LYS A 122 3.08 26.85 28.37
CA LYS A 122 3.23 25.49 28.89
C LYS A 122 2.09 24.60 28.39
N GLU A 123 0.85 25.12 28.44
CA GLU A 123 -0.28 24.34 27.95
C GLU A 123 -0.15 24.09 26.45
N ALA A 124 0.28 25.12 25.71
CA ALA A 124 0.36 24.99 24.25
C ALA A 124 1.36 23.92 23.83
N ILE A 125 2.57 23.95 24.42
CA ILE A 125 3.59 23.00 24.02
C ILE A 125 3.23 21.59 24.48
N ASP A 126 2.73 21.45 25.71
CA ASP A 126 2.41 20.13 26.23
C ASP A 126 1.23 19.51 25.49
N MET A 127 0.22 20.32 25.17
CA MET A 127 -0.96 19.78 24.51
C MET A 127 -0.67 19.44 23.06
N ALA A 128 0.16 20.24 22.39
CA ALA A 128 0.49 19.97 21.00
C ALA A 128 1.32 18.70 20.85
N THR A 129 2.34 18.53 21.69
CA THR A 129 3.18 17.34 21.59
C THR A 129 2.39 16.09 21.95
N ASP A 130 1.37 16.23 22.80
CA ASP A 130 0.48 15.11 23.06
C ASP A 130 -0.27 14.72 21.79
N LEU A 131 -0.78 15.70 21.05
CA LEU A 131 -1.46 15.41 19.79
C LEU A 131 -0.51 14.81 18.77
N SER A 132 0.76 15.25 18.79
CA SER A 132 1.72 14.80 17.79
C SER A 132 1.91 13.28 17.85
N MET A 133 2.05 12.73 19.07
CA MET A 133 2.27 11.30 19.20
C MET A 133 1.06 10.50 18.73
N LEU A 134 -0.14 10.97 19.06
CA LEU A 134 -1.34 10.27 18.61
C LEU A 134 -1.45 10.27 17.09
N ARG A 135 -0.92 11.31 16.44
CA ARG A 135 -0.90 11.32 14.98
C ARG A 135 0.11 10.30 14.45
N LEU A 136 1.21 10.08 15.18
CA LEU A 136 2.19 9.09 14.76
C LEU A 136 1.56 7.70 14.67
N PHE A 137 0.89 7.27 15.74
CA PHE A 137 0.19 5.99 15.69
C PHE A 137 -0.94 6.03 14.69
N GLU A 138 -1.57 7.19 14.52
CA GLU A 138 -2.53 7.35 13.43
C GLU A 138 -1.84 7.29 12.06
N THR A 139 -0.58 7.74 11.97
CA THR A 139 0.15 7.69 10.71
C THR A 139 0.67 6.30 10.42
N TYR A 140 1.46 5.72 11.32
CA TYR A 140 2.09 4.43 11.07
C TYR A 140 1.10 3.27 11.12
N LEU A 141 -0.14 3.50 11.53
CA LEU A 141 -1.22 2.54 11.31
C LEU A 141 -2.02 2.87 10.05
N GLU A 142 -1.69 3.96 9.37
CA GLU A 142 -2.30 4.31 8.10
C GLU A 142 -1.29 4.67 7.02
N GLY A 143 -0.05 4.96 7.37
CA GLY A 143 0.96 5.25 6.37
C GLY A 143 1.58 3.99 5.82
N CYS A 144 2.09 3.15 6.72
CA CYS A 144 2.78 1.93 6.32
C CYS A 144 1.81 0.83 5.89
N PRO A 145 0.88 0.38 6.74
CA PRO A 145 0.05 -0.78 6.36
C PRO A 145 -0.90 -0.50 5.20
N GLN A 146 -1.31 0.75 5.01
CA GLN A 146 -2.16 1.09 3.88
C GLN A 146 -1.36 1.28 2.60
N LEU A 147 -0.08 1.65 2.72
CA LEU A 147 0.76 1.73 1.54
C LEU A 147 0.95 0.37 0.90
N ILE A 148 0.84 -0.70 1.70
CA ILE A 148 0.97 -2.06 1.15
C ILE A 148 -0.10 -2.32 0.10
N LEU A 149 -1.36 -2.04 0.44
CA LEU A 149 -2.46 -2.36 -0.48
C LEU A 149 -2.33 -1.59 -1.79
N GLN A 150 -2.04 -0.29 -1.71
CA GLN A 150 -1.93 0.50 -2.92
C GLN A 150 -0.75 0.07 -3.77
N LEU A 151 0.42 -0.11 -3.14
CA LEU A 151 1.59 -0.57 -3.88
C LEU A 151 1.41 -2.01 -4.36
N TYR A 152 0.61 -2.81 -3.65
CA TYR A 152 0.27 -4.15 -4.16
C TYR A 152 -0.69 -4.06 -5.33
N ALA A 153 -1.53 -3.02 -5.37
CA ALA A 153 -2.43 -2.80 -6.49
C ALA A 153 -1.81 -1.96 -7.59
N PHE A 154 -0.56 -1.54 -7.41
CA PHE A 154 0.17 -0.81 -8.45
C PHE A 154 1.14 -1.71 -9.21
N LEU A 155 1.88 -2.58 -8.50
CA LEU A 155 2.77 -3.51 -9.18
C LEU A 155 1.98 -4.51 -10.03
N GLU A 156 0.84 -4.97 -9.51
CA GLU A 156 0.06 -5.98 -10.21
C GLU A 156 -0.47 -5.45 -11.54
N ARG A 157 -0.98 -4.22 -11.56
CA ARG A 157 -1.59 -3.67 -12.75
C ARG A 157 -0.64 -2.78 -13.55
N GLY A 158 0.64 -2.74 -13.18
CA GLY A 158 1.64 -2.10 -13.99
C GLY A 158 1.75 -0.59 -13.84
N GLN A 159 0.80 0.16 -14.39
CA GLN A 159 0.94 1.60 -14.51
C GLN A 159 0.15 2.38 -13.48
N ALA A 160 -1.00 1.87 -13.04
CA ALA A 160 -1.89 2.58 -12.12
C ALA A 160 -2.36 3.91 -12.70
N ASN A 161 -3.11 4.68 -11.92
CA ASN A 161 -3.68 5.94 -12.37
C ASN A 161 -3.28 7.06 -11.42
N PHE A 162 -3.88 8.24 -11.63
CA PHE A 162 -3.49 9.42 -10.85
C PHE A 162 -3.99 9.34 -9.42
N SER A 163 -5.18 8.77 -9.21
CA SER A 163 -5.75 8.71 -7.87
C SER A 163 -4.88 7.87 -6.94
N GLN A 164 -4.38 6.74 -7.42
CA GLN A 164 -3.52 5.89 -6.59
C GLN A 164 -2.19 6.54 -6.33
N TYR A 165 -1.66 7.28 -7.33
CA TYR A 165 -0.44 8.04 -7.09
C TYR A 165 -0.63 9.12 -6.03
N MET A 166 -1.85 9.63 -5.88
CA MET A 166 -2.09 10.68 -4.90
C MET A 166 -1.94 10.15 -3.48
N VAL A 167 -2.55 9.00 -3.18
CA VAL A 167 -2.51 8.46 -1.83
C VAL A 167 -1.11 7.99 -1.48
N ILE A 168 -0.38 7.42 -2.45
CA ILE A 168 0.97 6.92 -2.18
C ILE A 168 1.90 8.07 -1.83
N MET A 169 1.81 9.17 -2.58
CA MET A 169 2.65 10.33 -2.30
C MET A 169 2.26 11.00 -0.98
N VAL A 170 0.95 11.17 -0.76
CA VAL A 170 0.51 11.86 0.46
C VAL A 170 0.80 11.01 1.69
N SER A 171 0.67 9.68 1.56
CA SER A 171 1.04 8.81 2.67
C SER A 171 2.55 8.84 2.91
N CYS A 172 3.33 8.89 1.82
CA CYS A 172 4.77 9.09 1.96
C CYS A 172 5.06 10.44 2.61
N CYS A 173 4.32 11.48 2.21
CA CYS A 173 4.44 12.77 2.88
C CYS A 173 3.97 12.67 4.32
N ALA A 174 2.88 11.95 4.57
CA ALA A 174 2.40 11.77 5.94
C ALA A 174 3.41 11.03 6.79
N ILE A 175 4.03 9.97 6.24
CA ILE A 175 5.08 9.26 6.96
C ILE A 175 6.27 10.18 7.20
N SER A 176 6.67 10.92 6.17
CA SER A 176 7.81 11.83 6.31
C SER A 176 7.52 12.92 7.33
N TRP A 177 6.31 13.48 7.29
CA TRP A 177 5.99 14.60 8.19
C TRP A 177 5.89 14.13 9.63
N SER A 178 5.23 12.99 9.86
CA SER A 178 5.05 12.52 11.23
C SER A 178 6.36 12.09 11.86
N THR A 179 7.24 11.44 11.08
CA THR A 179 8.50 10.95 11.63
C THR A 179 9.39 12.09 12.09
N VAL A 180 9.56 13.11 11.25
CA VAL A 180 10.39 14.24 11.64
C VAL A 180 9.75 15.03 12.79
N ASP A 181 8.42 15.08 12.81
CA ASP A 181 7.73 15.74 13.91
C ASP A 181 7.99 15.03 15.23
N TYR A 182 8.02 13.71 15.22
CA TYR A 182 8.37 12.96 16.42
C TYR A 182 9.78 13.27 16.87
N GLN A 183 10.72 13.40 15.92
CA GLN A 183 12.09 13.73 16.26
C GLN A 183 12.17 15.10 16.93
N ILE A 184 11.39 16.07 16.43
CA ILE A 184 11.34 17.38 17.08
C ILE A 184 10.79 17.25 18.49
N ALA A 185 9.78 16.40 18.69
CA ALA A 185 9.24 16.18 20.02
C ALA A 185 10.29 15.59 20.94
N LEU A 186 11.09 14.65 20.45
CA LEU A 186 12.15 14.07 21.25
C LEU A 186 13.18 15.13 21.64
N ARG A 187 13.50 16.04 20.71
CA ARG A 187 14.45 17.10 21.01
C ARG A 187 13.95 18.01 22.12
N LYS A 188 12.66 18.38 22.07
CA LYS A 188 12.12 19.35 23.01
C LYS A 188 11.65 18.73 24.32
N SER A 189 11.23 17.47 24.31
CA SER A 189 10.70 16.85 25.53
C SER A 189 11.77 16.74 26.60
N LEU A 190 12.98 16.31 26.22
CA LEU A 190 14.08 16.18 27.16
C LEU A 190 15.35 16.73 26.54
N PRO A 191 16.19 17.40 27.34
CA PRO A 191 17.44 17.96 26.82
C PRO A 191 18.60 16.98 26.75
N ASP A 192 18.37 15.67 26.88
CA ASP A 192 19.46 14.71 26.85
C ASP A 192 20.16 14.72 25.49
N LYS A 193 19.39 14.77 24.40
CA LYS A 193 19.95 14.78 23.05
C LYS A 193 20.21 16.21 22.57
N ASN A 194 21.09 16.93 23.26
CA ASN A 194 21.43 18.28 22.87
C ASN A 194 22.17 18.30 21.53
N LEU A 195 22.92 17.24 21.22
CA LEU A 195 23.64 17.15 19.96
C LEU A 195 22.71 16.96 18.77
N LEU A 196 21.43 16.68 19.00
CA LEU A 196 20.48 16.49 17.91
C LEU A 196 20.24 17.77 17.13
N ARG A 197 20.64 18.93 17.67
CA ARG A 197 20.46 20.20 16.98
C ARG A 197 21.16 20.18 15.63
N GLY A 198 20.47 20.62 14.59
CA GLY A 198 21.01 20.66 13.25
C GLY A 198 20.05 20.06 12.24
N PHE A 199 20.21 20.49 10.98
CA PHE A 199 19.36 19.97 9.91
C PHE A 199 19.74 18.57 9.50
N TRP A 200 21.01 18.19 9.64
CA TRP A 200 21.46 16.86 9.22
C TRP A 200 20.74 15.73 9.97
N PRO A 201 20.56 15.78 11.29
CA PRO A 201 19.79 14.68 11.93
C PRO A 201 18.37 14.56 11.42
N LYS A 202 17.75 15.69 11.03
CA LYS A 202 16.39 15.63 10.51
C LYS A 202 16.32 14.80 9.24
N LEU A 203 17.27 15.02 8.31
CA LEU A 203 17.21 14.33 7.03
C LEU A 203 17.68 12.89 7.14
N THR A 204 18.68 12.63 7.99
CA THR A 204 19.24 11.27 8.09
C THR A 204 18.22 10.30 8.67
N TYR A 205 17.59 10.65 9.80
CA TYR A 205 16.62 9.76 10.41
C TYR A 205 15.38 9.62 9.54
N LEU A 206 15.01 10.68 8.82
CA LEU A 206 13.86 10.61 7.94
C LEU A 206 14.09 9.60 6.82
N PHE A 207 15.24 9.66 6.17
CA PHE A 207 15.54 8.71 5.10
C PHE A 207 15.75 7.31 5.66
N TYR A 208 16.00 7.19 6.96
CA TYR A 208 16.12 5.88 7.57
C TYR A 208 14.79 5.13 7.53
N LYS A 209 13.69 5.80 7.88
CA LYS A 209 12.38 5.17 7.77
C LYS A 209 11.98 4.97 6.32
N LEU A 210 12.13 6.00 5.49
CA LEU A 210 11.63 5.93 4.12
C LEU A 210 12.33 4.86 3.30
N PHE A 211 13.55 4.48 3.66
CA PHE A 211 14.27 3.45 2.91
C PHE A 211 14.14 2.07 3.54
N THR A 212 14.30 1.97 4.86
CA THR A 212 14.17 0.67 5.52
C THR A 212 12.76 0.12 5.37
N LEU A 213 11.75 0.97 5.52
CA LEU A 213 10.37 0.51 5.30
C LEU A 213 10.17 0.07 3.86
N LEU A 214 10.69 0.85 2.89
CA LEU A 214 10.46 0.53 1.49
C LEU A 214 11.03 -0.84 1.14
N SER A 215 12.22 -1.17 1.68
CA SER A 215 12.78 -2.49 1.45
C SER A 215 11.89 -3.59 2.04
N TRP A 216 11.42 -3.38 3.27
CA TRP A 216 10.61 -4.41 3.92
C TRP A 216 9.21 -4.48 3.31
N MET A 217 8.64 -3.32 2.96
CA MET A 217 7.35 -3.31 2.27
C MET A 217 7.43 -4.03 0.93
N LEU A 218 8.46 -3.75 0.15
CA LEU A 218 8.60 -4.41 -1.15
C LEU A 218 8.83 -5.90 -0.98
N SER A 219 9.43 -6.30 0.14
CA SER A 219 9.62 -7.72 0.40
C SER A 219 8.29 -8.41 0.71
N VAL A 220 7.46 -7.76 1.52
CA VAL A 220 6.15 -8.33 1.85
C VAL A 220 5.26 -8.37 0.61
N VAL A 221 5.37 -7.35 -0.25
CA VAL A 221 4.55 -7.32 -1.46
C VAL A 221 4.93 -8.47 -2.39
N LEU A 222 6.23 -8.74 -2.54
CA LEU A 222 6.66 -9.82 -3.43
C LEU A 222 6.14 -11.17 -2.96
N LEU A 223 6.21 -11.42 -1.65
CA LEU A 223 5.64 -12.66 -1.12
C LEU A 223 4.13 -12.69 -1.28
N LEU A 224 3.50 -11.52 -1.23
CA LEU A 224 2.03 -11.47 -1.23
C LEU A 224 1.46 -12.04 -2.52
N PHE A 225 2.18 -11.89 -3.64
CA PHE A 225 1.72 -12.48 -4.89
C PHE A 225 1.77 -14.01 -4.85
N VAL A 226 2.70 -14.59 -4.12
CA VAL A 226 2.87 -16.03 -4.13
C VAL A 226 1.75 -16.71 -3.34
N ASP A 227 1.69 -16.45 -2.03
CA ASP A 227 0.69 -17.04 -1.16
C ASP A 227 0.16 -15.96 -0.23
N VAL A 228 -1.11 -15.59 -0.39
CA VAL A 228 -1.70 -14.57 0.47
C VAL A 228 -1.81 -15.09 1.90
N ARG A 229 -2.22 -16.35 2.06
CA ARG A 229 -2.47 -16.89 3.40
C ARG A 229 -1.18 -16.95 4.22
N THR A 230 -0.08 -17.37 3.62
CA THR A 230 1.17 -17.53 4.38
C THR A 230 1.64 -16.19 4.94
N VAL A 231 1.56 -15.13 4.12
CA VAL A 231 1.97 -13.82 4.60
C VAL A 231 1.07 -13.34 5.73
N LEU A 232 -0.24 -13.55 5.60
CA LEU A 232 -1.16 -13.13 6.66
C LEU A 232 -0.90 -13.90 7.95
N LEU A 233 -0.68 -15.21 7.85
CA LEU A 233 -0.34 -15.98 9.04
C LEU A 233 1.05 -15.61 9.56
N LEU A 234 1.96 -15.23 8.65
CA LEU A 234 3.27 -14.75 9.10
C LEU A 234 3.12 -13.46 9.90
N LEU A 235 2.11 -12.65 9.57
CA LEU A 235 1.89 -11.42 10.32
C LEU A 235 1.54 -11.71 11.77
N LEU A 236 0.70 -12.73 12.01
CA LEU A 236 0.30 -13.05 13.37
C LEU A 236 1.49 -13.45 14.22
N PHE A 237 2.41 -14.25 13.68
CA PHE A 237 3.60 -14.64 14.43
C PHE A 237 4.45 -13.43 14.78
N LEU A 238 4.65 -12.52 13.83
CA LEU A 238 5.38 -11.29 14.12
C LEU A 238 4.57 -10.38 15.03
N TRP A 239 3.26 -10.33 14.84
CA TRP A 239 2.41 -9.46 15.66
C TRP A 239 2.42 -9.90 17.12
N THR A 240 2.32 -11.21 17.37
CA THR A 240 2.26 -11.69 18.74
C THR A 240 3.61 -11.53 19.43
N VAL A 241 4.72 -11.63 18.68
CA VAL A 241 6.03 -11.39 19.27
C VAL A 241 6.15 -9.95 19.74
N GLY A 242 5.67 -9.01 18.93
CA GLY A 242 5.64 -7.63 19.37
C GLY A 242 4.72 -7.42 20.56
N PHE A 243 3.57 -8.10 20.56
CA PHE A 243 2.66 -8.02 21.69
C PHE A 243 3.30 -8.59 22.96
N ILE A 244 3.97 -9.74 22.83
CA ILE A 244 4.69 -10.31 23.96
C ILE A 244 5.84 -9.40 24.36
N TRP A 245 6.51 -8.78 23.38
CA TRP A 245 7.61 -7.88 23.68
C TRP A 245 7.15 -6.70 24.53
N ALA A 246 5.87 -6.32 24.43
CA ALA A 246 5.34 -5.28 25.29
C ALA A 246 5.31 -5.73 26.76
N PHE A 247 4.98 -6.98 27.00
CA PHE A 247 4.91 -7.49 28.38
C PHE A 247 6.27 -7.43 29.06
N ILE A 248 7.32 -7.89 28.36
CA ILE A 248 8.63 -8.00 29.01
C ILE A 248 9.18 -6.61 29.35
N ASN A 249 8.89 -5.60 28.51
CA ASN A 249 9.34 -4.25 28.80
C ASN A 249 8.44 -3.53 29.79
N HIS A 250 7.28 -4.11 30.13
CA HIS A 250 6.33 -3.50 31.07
C HIS A 250 5.94 -2.10 30.61
N THR A 251 5.47 -2.00 29.37
CA THR A 251 5.06 -0.72 28.81
C THR A 251 3.85 -0.19 29.57
N GLN A 252 3.92 1.10 29.95
CA GLN A 252 2.85 1.71 30.72
C GLN A 252 2.71 3.18 30.28
N PHE A 253 1.64 3.48 29.56
CA PHE A 253 1.32 4.85 29.20
C PHE A 253 -0.14 5.21 29.43
N CYS A 254 -1.04 4.23 29.52
CA CYS A 254 -2.45 4.49 29.78
C CYS A 254 -2.81 3.99 31.18
N ASN A 255 -3.97 4.43 31.66
CA ASN A 255 -4.43 4.12 33.00
C ASN A 255 -5.46 3.00 33.04
N SER A 256 -6.43 3.02 32.13
CA SER A 256 -7.46 1.99 32.13
C SER A 256 -6.87 0.64 31.79
N LEU A 257 -7.40 -0.41 32.45
CA LEU A 257 -6.91 -1.76 32.19
C LEU A 257 -7.24 -2.19 30.77
N SER A 258 -8.43 -1.84 30.26
CA SER A 258 -8.77 -2.14 28.88
C SER A 258 -7.87 -1.38 27.92
N MET A 259 -7.58 -0.11 28.23
CA MET A 259 -6.68 0.66 27.37
C MET A 259 -5.27 0.11 27.41
N GLU A 260 -4.84 -0.42 28.56
CA GLU A 260 -3.53 -1.04 28.66
C GLU A 260 -3.42 -2.24 27.72
N PHE A 261 -4.47 -3.05 27.67
CA PHE A 261 -4.49 -4.17 26.72
C PHE A 261 -4.46 -3.68 25.28
N LEU A 262 -5.19 -2.60 24.97
CA LEU A 262 -5.23 -2.10 23.61
C LEU A 262 -3.91 -1.49 23.20
N TYR A 263 -3.26 -0.75 24.10
CA TYR A 263 -2.03 -0.05 23.74
C TYR A 263 -0.93 -1.02 23.33
N ARG A 264 -0.78 -2.12 24.07
CA ARG A 264 0.22 -3.11 23.69
C ARG A 264 -0.14 -3.79 22.38
N LEU A 265 -1.43 -3.87 22.05
CA LEU A 265 -1.84 -4.44 20.78
C LEU A 265 -1.41 -3.56 19.62
N VAL A 266 -1.69 -2.25 19.70
CA VAL A 266 -1.39 -1.38 18.58
C VAL A 266 0.11 -1.16 18.43
N VAL A 267 0.83 -1.01 19.55
CA VAL A 267 2.27 -0.78 19.46
C VAL A 267 2.99 -2.04 19.01
N GLY A 268 2.44 -3.21 19.35
CA GLY A 268 3.03 -4.46 18.86
C GLY A 268 2.92 -4.60 17.36
N PHE A 269 1.80 -4.14 16.79
CA PHE A 269 1.61 -4.22 15.34
C PHE A 269 2.62 -3.34 14.62
N ILE A 270 3.01 -2.21 15.22
CA ILE A 270 3.98 -1.32 14.59
C ILE A 270 5.35 -1.98 14.52
N LEU A 271 5.70 -2.77 15.54
CA LEU A 271 7.01 -3.40 15.57
C LEU A 271 7.25 -4.31 14.38
N VAL A 272 6.18 -4.86 13.79
CA VAL A 272 6.32 -5.66 12.59
C VAL A 272 6.88 -4.86 11.44
N PHE A 273 6.56 -3.57 11.37
CA PHE A 273 7.01 -2.72 10.28
C PHE A 273 8.35 -2.03 10.57
N THR A 274 8.52 -1.48 11.77
CA THR A 274 9.78 -0.83 12.13
C THR A 274 9.87 -0.75 13.64
N PHE A 275 11.08 -0.55 14.14
CA PHE A 275 11.35 -0.54 15.56
C PHE A 275 11.35 0.89 16.09
N PHE A 276 10.92 1.06 17.34
CA PHE A 276 10.73 2.41 17.87
C PHE A 276 11.29 2.64 19.27
N ASN A 277 12.03 1.70 19.84
CA ASN A 277 12.67 1.87 21.15
C ASN A 277 11.63 2.24 22.21
N ILE A 278 10.74 1.28 22.46
CA ILE A 278 9.65 1.49 23.42
C ILE A 278 10.24 1.77 24.80
N LYS A 279 9.68 2.77 25.47
CA LYS A 279 10.04 3.28 26.79
C LYS A 279 11.34 4.09 26.76
N GLY A 280 12.06 4.12 25.65
CA GLY A 280 13.25 4.95 25.52
C GLY A 280 14.34 4.69 26.54
N GLN A 281 14.33 3.50 27.14
CA GLN A 281 15.28 3.17 28.20
C GLN A 281 16.21 2.03 27.80
N ASN A 282 16.30 1.70 26.52
CA ASN A 282 17.17 0.63 26.07
C ASN A 282 18.57 1.15 25.77
N THR A 283 19.46 0.26 25.37
CA THR A 283 20.85 0.57 25.09
C THR A 283 21.29 -0.04 23.75
N LYS A 284 20.42 0.11 22.74
CA LYS A 284 20.69 -0.26 21.36
C LYS A 284 20.70 -1.78 21.19
N CYS A 285 20.61 -2.51 22.30
CA CYS A 285 20.61 -3.97 22.24
C CYS A 285 19.43 -4.56 21.48
N PRO A 286 18.16 -4.16 21.72
CA PRO A 286 17.05 -4.81 21.02
C PRO A 286 17.00 -4.47 19.54
N MET A 287 17.41 -3.26 19.18
CA MET A 287 17.39 -2.85 17.78
C MET A 287 18.36 -3.67 16.95
N SER A 288 19.54 -3.97 17.50
CA SER A 288 20.49 -4.82 16.80
C SER A 288 19.91 -6.21 16.56
N CYS A 289 19.24 -6.77 17.57
CA CYS A 289 18.61 -8.08 17.40
C CYS A 289 17.48 -8.03 16.38
N TYR A 290 16.68 -6.95 16.40
CA TYR A 290 15.56 -6.85 15.47
C TYR A 290 16.04 -6.69 14.03
N TYR A 291 17.22 -6.11 13.82
CA TYR A 291 17.72 -5.86 12.47
C TYR A 291 18.70 -6.92 11.99
N THR A 292 19.41 -7.59 12.91
CA THR A 292 20.26 -8.69 12.48
C THR A 292 19.44 -9.84 11.93
N VAL A 293 18.17 -9.94 12.31
CA VAL A 293 17.28 -10.92 11.71
C VAL A 293 16.61 -10.32 10.46
N ARG A 294 16.45 -9.00 10.43
CA ARG A 294 15.88 -8.34 9.27
C ARG A 294 16.80 -8.51 8.06
N VAL A 295 18.10 -8.35 8.25
CA VAL A 295 19.03 -8.45 7.13
C VAL A 295 19.08 -9.88 6.61
N LEU A 296 19.05 -10.86 7.52
CA LEU A 296 19.01 -12.26 7.07
C LEU A 296 17.63 -12.63 6.57
N GLY A 297 16.57 -12.09 7.17
CA GLY A 297 15.22 -12.40 6.72
C GLY A 297 14.92 -11.84 5.33
N THR A 298 15.26 -10.58 5.11
CA THR A 298 14.94 -9.96 3.82
C THR A 298 15.79 -10.52 2.70
N LEU A 299 17.11 -10.59 2.89
CA LEU A 299 17.97 -11.12 1.85
C LEU A 299 17.82 -12.64 1.73
N GLY A 300 17.46 -13.31 2.83
CA GLY A 300 17.17 -14.73 2.74
C GLY A 300 16.00 -15.02 1.83
N ILE A 301 15.00 -14.14 1.82
CA ILE A 301 13.88 -14.27 0.89
C ILE A 301 14.38 -14.14 -0.55
N LEU A 302 15.26 -13.18 -0.80
CA LEU A 302 15.78 -12.98 -2.16
C LEU A 302 16.55 -14.19 -2.64
N THR A 303 17.27 -14.85 -1.75
CA THR A 303 17.99 -16.07 -2.12
C THR A 303 17.03 -17.16 -2.56
N VAL A 304 15.85 -17.22 -1.94
CA VAL A 304 14.87 -18.23 -2.31
C VAL A 304 14.43 -18.06 -3.75
N PHE A 305 14.16 -16.81 -4.16
CA PHE A 305 13.69 -16.57 -5.52
C PHE A 305 14.82 -16.73 -6.53
N TRP A 306 16.02 -16.25 -6.20
CA TRP A 306 17.14 -16.33 -7.14
C TRP A 306 17.57 -17.77 -7.36
N ILE A 307 17.77 -18.52 -6.26
CA ILE A 307 18.20 -19.92 -6.39
C ILE A 307 17.07 -20.78 -6.94
N TYR A 308 15.85 -20.56 -6.47
CA TYR A 308 14.68 -21.27 -6.96
C TYR A 308 13.84 -20.33 -7.81
N PRO A 309 14.06 -20.28 -9.12
CA PRO A 309 13.31 -19.33 -9.95
C PRO A 309 11.82 -19.63 -9.96
N LEU A 310 11.02 -18.57 -10.03
CA LEU A 310 9.57 -18.68 -10.09
C LEU A 310 9.10 -18.18 -11.45
N SER A 311 8.35 -19.01 -12.17
CA SER A 311 7.84 -18.61 -13.48
C SER A 311 6.70 -17.61 -13.38
N ILE A 312 6.11 -17.44 -12.20
CA ILE A 312 5.01 -16.50 -12.04
C ILE A 312 5.47 -15.07 -12.27
N PHE A 313 6.65 -14.72 -11.78
CA PHE A 313 7.15 -13.35 -11.83
C PHE A 313 7.96 -13.15 -13.10
N ASN A 314 7.67 -12.05 -13.81
CA ASN A 314 8.44 -11.71 -14.99
C ASN A 314 9.89 -11.45 -14.63
N SER A 315 10.81 -12.08 -15.35
CA SER A 315 12.22 -11.94 -15.04
C SER A 315 12.81 -10.63 -15.54
N ASP A 316 12.14 -9.97 -16.48
CA ASP A 316 12.67 -8.71 -17.02
C ASP A 316 12.67 -7.63 -15.96
N TYR A 317 11.54 -7.42 -15.28
CA TYR A 317 11.43 -6.40 -14.26
C TYR A 317 11.76 -6.91 -12.86
N PHE A 318 12.06 -8.19 -12.71
CA PHE A 318 12.40 -8.72 -11.39
C PHE A 318 13.80 -8.31 -10.94
N ILE A 319 14.68 -7.98 -11.88
CA ILE A 319 16.05 -7.59 -11.55
C ILE A 319 16.07 -6.21 -10.89
N PRO A 320 15.48 -5.16 -11.49
CA PRO A 320 15.49 -3.86 -10.79
C PRO A 320 14.79 -3.90 -9.44
N ILE A 321 13.72 -4.68 -9.32
CA ILE A 321 13.06 -4.86 -8.02
C ILE A 321 14.00 -5.58 -7.06
N SER A 322 14.67 -6.63 -7.53
CA SER A 322 15.66 -7.31 -6.71
C SER A 322 16.84 -6.39 -6.39
N ALA A 323 17.15 -5.45 -7.29
CA ALA A 323 18.21 -4.50 -7.02
C ALA A 323 17.80 -3.47 -5.98
N THR A 324 16.59 -2.93 -6.12
CA THR A 324 16.18 -1.84 -5.24
C THR A 324 15.81 -2.34 -3.84
N ILE A 325 15.45 -3.62 -3.71
CA ILE A 325 15.10 -4.14 -2.39
C ILE A 325 16.34 -4.27 -1.52
N VAL A 326 17.48 -4.62 -2.12
CA VAL A 326 18.69 -4.85 -1.34
C VAL A 326 19.49 -3.56 -1.18
N LEU A 327 19.56 -2.74 -2.23
CA LEU A 327 20.30 -1.49 -2.14
C LEU A 327 19.66 -0.54 -1.14
N SER A 328 18.33 -0.45 -1.13
CA SER A 328 17.64 0.40 -0.16
C SER A 328 17.88 -0.08 1.26
N LEU A 329 17.85 -1.40 1.47
CA LEU A 329 18.17 -1.94 2.79
C LEU A 329 19.62 -1.68 3.16
N LEU A 330 20.52 -1.76 2.17
CA LEU A 330 21.91 -1.41 2.42
C LEU A 330 22.05 0.06 2.77
N PHE A 331 21.28 0.92 2.11
CA PHE A 331 21.29 2.34 2.45
C PHE A 331 20.74 2.57 3.85
N GLY A 332 19.70 1.81 4.24
CA GLY A 332 19.10 2.02 5.54
C GLY A 332 20.04 1.76 6.68
N ILE A 333 20.77 0.63 6.64
CA ILE A 333 21.71 0.32 7.70
C ILE A 333 22.89 1.29 7.67
N ILE A 334 23.24 1.81 6.49
CA ILE A 334 24.31 2.80 6.40
C ILE A 334 23.92 4.08 7.13
N PHE A 335 22.67 4.53 6.94
CA PHE A 335 22.21 5.74 7.60
C PHE A 335 22.16 5.56 9.12
N LEU A 336 21.93 4.33 9.58
CA LEU A 336 21.91 4.06 11.01
C LEU A 336 23.27 4.36 11.65
N GLY A 337 24.34 3.98 10.97
CA GLY A 337 25.67 4.22 11.51
C GLY A 337 25.98 5.69 11.66
N VAL A 338 25.48 6.52 10.74
CA VAL A 338 25.73 7.95 10.81
C VAL A 338 25.01 8.56 12.02
N TYR A 339 23.77 8.14 12.26
CA TYR A 339 22.98 8.76 13.32
C TYR A 339 23.44 8.30 14.70
N TYR A 340 23.38 6.99 14.96
CA TYR A 340 23.79 6.49 16.27
C TYR A 340 25.29 6.65 16.49
N GLY A 341 26.08 6.49 15.45
CA GLY A 341 27.52 6.55 15.62
C GLY A 341 28.10 7.93 15.84
N THR A 342 27.29 8.99 15.70
CA THR A 342 27.81 10.34 15.88
C THR A 342 26.97 11.15 16.87
N TYR A 343 25.70 10.76 17.08
CA TYR A 343 24.86 11.40 18.07
C TYR A 343 24.53 10.49 19.25
N HIS A 344 24.00 9.31 18.99
CA HIS A 344 23.63 8.40 20.08
C HIS A 344 24.88 7.81 20.73
N SER B 1 -10.00 7.55 -21.28
CA SER B 1 -8.96 6.59 -21.62
C SER B 1 -8.20 7.03 -22.87
N GLN B 2 -6.89 6.75 -22.90
CA GLN B 2 -6.07 7.11 -24.05
C GLN B 2 -6.48 6.34 -25.30
N VAL B 3 -6.85 5.06 -25.16
CA VAL B 3 -7.24 4.23 -26.29
C VAL B 3 -8.60 3.62 -25.99
N GLN B 4 -9.32 3.23 -27.04
CA GLN B 4 -10.62 2.58 -26.92
C GLN B 4 -10.58 1.26 -27.67
N LEU B 5 -11.03 0.20 -27.02
CA LEU B 5 -11.06 -1.13 -27.62
C LEU B 5 -12.44 -1.39 -28.21
N VAL B 6 -12.48 -1.87 -29.45
CA VAL B 6 -13.72 -2.11 -30.18
C VAL B 6 -13.83 -3.59 -30.45
N GLU B 7 -14.96 -4.18 -30.10
CA GLU B 7 -15.22 -5.60 -30.29
C GLU B 7 -16.27 -5.79 -31.39
N SER B 8 -16.04 -6.79 -32.24
CA SER B 8 -16.92 -7.04 -33.36
C SER B 8 -16.82 -8.50 -33.76
N GLY B 9 -17.70 -8.91 -34.67
CA GLY B 9 -17.73 -10.27 -35.16
C GLY B 9 -18.67 -11.20 -34.45
N GLY B 10 -19.25 -10.77 -33.32
CA GLY B 10 -20.17 -11.64 -32.60
C GLY B 10 -21.45 -11.89 -33.37
N GLY B 11 -22.07 -13.02 -33.09
CA GLY B 11 -23.30 -13.38 -33.76
C GLY B 11 -23.78 -14.75 -33.32
N SER B 12 -24.78 -15.25 -34.04
CA SER B 12 -25.39 -16.55 -33.77
C SER B 12 -24.92 -17.55 -34.81
N VAL B 13 -24.45 -18.71 -34.35
CA VAL B 13 -23.94 -19.75 -35.23
C VAL B 13 -24.27 -21.11 -34.61
N GLN B 14 -24.51 -22.09 -35.49
CA GLN B 14 -24.88 -23.43 -35.05
C GLN B 14 -23.73 -24.11 -34.32
N ALA B 15 -24.07 -25.12 -33.53
CA ALA B 15 -23.07 -25.88 -32.79
C ALA B 15 -22.13 -26.60 -33.75
N GLY B 16 -20.84 -26.63 -33.39
CA GLY B 16 -19.85 -27.29 -34.21
C GLY B 16 -19.35 -26.49 -35.39
N GLY B 17 -19.78 -25.24 -35.55
CA GLY B 17 -19.39 -24.41 -36.66
C GLY B 17 -18.16 -23.58 -36.36
N SER B 18 -18.00 -22.49 -37.12
CA SER B 18 -16.86 -21.60 -36.97
C SER B 18 -17.35 -20.16 -36.96
N LEU B 19 -16.60 -19.30 -36.28
CA LEU B 19 -16.94 -17.89 -36.19
C LEU B 19 -15.69 -17.12 -35.82
N ARG B 20 -15.56 -15.90 -36.32
CA ARG B 20 -14.37 -15.08 -36.17
C ARG B 20 -14.69 -13.81 -35.38
N LEU B 21 -13.76 -13.40 -34.53
CA LEU B 21 -13.87 -12.17 -33.76
C LEU B 21 -12.66 -11.28 -34.02
N SER B 22 -12.88 -9.98 -33.91
CA SER B 22 -11.81 -9.00 -34.03
C SER B 22 -11.93 -7.98 -32.91
N CYS B 23 -10.79 -7.62 -32.32
CA CYS B 23 -10.70 -6.58 -31.31
C CYS B 23 -9.71 -5.53 -31.77
N ALA B 24 -10.17 -4.31 -31.94
CA ALA B 24 -9.36 -3.23 -32.50
C ALA B 24 -9.01 -2.23 -31.41
N ALA B 25 -7.72 -1.93 -31.29
CA ALA B 25 -7.22 -0.97 -30.32
C ALA B 25 -6.86 0.32 -31.05
N SER B 26 -7.71 1.33 -30.89
CA SER B 26 -7.51 2.62 -31.56
C SER B 26 -6.71 3.54 -30.65
N GLY B 27 -5.49 3.85 -31.06
CA GLY B 27 -4.63 4.74 -30.32
C GLY B 27 -3.22 4.19 -30.26
N ASN B 28 -2.51 4.55 -29.19
CA ASN B 28 -1.12 4.15 -29.00
C ASN B 28 -1.09 2.85 -28.18
N ILE B 29 -0.49 1.80 -28.74
CA ILE B 29 -0.39 0.52 -28.06
C ILE B 29 1.08 0.15 -27.89
N ALA B 30 1.95 1.16 -27.86
CA ALA B 30 3.39 0.90 -27.73
C ALA B 30 3.72 0.24 -26.40
N ASP B 31 3.07 0.67 -25.33
CA ASP B 31 3.36 0.18 -23.99
C ASP B 31 2.52 -1.04 -23.61
N ILE B 32 1.68 -1.53 -24.53
CA ILE B 32 0.81 -2.66 -24.24
C ILE B 32 1.61 -3.95 -24.33
N TYR B 33 1.67 -4.69 -23.22
CA TYR B 33 2.40 -5.95 -23.18
C TYR B 33 1.46 -7.14 -23.39
N TYR B 34 0.44 -7.27 -22.55
CA TYR B 34 -0.52 -8.34 -22.62
C TYR B 34 -1.84 -7.86 -23.20
N LEU B 35 -2.48 -8.74 -23.99
CA LEU B 35 -3.87 -8.53 -24.39
C LEU B 35 -4.46 -9.89 -24.71
N GLY B 36 -5.73 -10.07 -24.39
CA GLY B 36 -6.35 -11.37 -24.52
C GLY B 36 -7.85 -11.31 -24.66
N TRP B 37 -8.51 -12.28 -24.03
CA TRP B 37 -9.95 -12.48 -24.14
C TRP B 37 -10.50 -13.10 -22.87
N PHE B 38 -11.82 -13.09 -22.75
CA PHE B 38 -12.48 -13.62 -21.57
C PHE B 38 -13.84 -14.22 -21.93
N ARG B 39 -14.35 -15.02 -21.00
CA ARG B 39 -15.68 -15.60 -21.08
C ARG B 39 -16.46 -15.20 -19.84
N GLN B 40 -17.68 -14.73 -20.05
CA GLN B 40 -18.53 -14.30 -18.94
C GLN B 40 -20.00 -14.62 -19.25
N ALA B 41 -20.60 -15.42 -18.39
CA ALA B 41 -22.00 -15.79 -18.46
C ALA B 41 -22.61 -15.59 -17.09
N PRO B 42 -23.92 -15.37 -17.02
CA PRO B 42 -24.57 -15.20 -15.70
C PRO B 42 -24.37 -16.44 -14.84
N GLY B 43 -24.14 -16.19 -13.55
CA GLY B 43 -23.91 -17.27 -12.61
C GLY B 43 -22.46 -17.62 -12.38
N LYS B 44 -21.53 -16.89 -12.97
CA LYS B 44 -20.11 -17.16 -12.77
C LYS B 44 -19.31 -15.87 -12.97
N GLU B 45 -18.11 -15.86 -12.41
CA GLU B 45 -17.19 -14.74 -12.52
C GLU B 45 -16.34 -14.86 -13.78
N ARG B 46 -15.65 -13.77 -14.11
CA ARG B 46 -14.76 -13.75 -15.27
C ARG B 46 -13.56 -14.67 -15.04
N GLU B 47 -13.22 -15.45 -16.06
CA GLU B 47 -11.98 -16.21 -16.08
C GLU B 47 -11.29 -16.03 -17.42
N GLY B 48 -9.96 -16.01 -17.41
CA GLY B 48 -9.22 -15.89 -18.65
C GLY B 48 -9.38 -17.13 -19.51
N VAL B 49 -9.39 -16.91 -20.83
CA VAL B 49 -9.53 -17.98 -21.81
C VAL B 49 -8.34 -18.04 -22.76
N ALA B 50 -7.85 -16.88 -23.21
CA ALA B 50 -6.70 -16.83 -24.10
C ALA B 50 -6.04 -15.48 -23.97
N ALA B 51 -4.76 -15.44 -24.31
CA ALA B 51 -3.96 -14.21 -24.25
C ALA B 51 -2.72 -14.42 -25.08
N LEU B 52 -2.04 -13.32 -25.38
CA LEU B 52 -0.80 -13.37 -26.15
C LEU B 52 0.10 -12.23 -25.71
N ILE B 53 1.38 -12.35 -26.05
CA ILE B 53 2.37 -11.32 -25.77
C ILE B 53 2.65 -10.56 -27.06
N THR B 54 2.49 -9.24 -27.02
CA THR B 54 2.71 -8.42 -28.21
C THR B 54 4.16 -8.47 -28.67
N TYR B 55 5.11 -8.48 -27.72
CA TYR B 55 6.52 -8.44 -28.06
C TYR B 55 6.94 -9.68 -28.85
N ASN B 56 6.57 -10.86 -28.37
CA ASN B 56 7.01 -12.10 -28.99
C ASN B 56 5.90 -12.78 -29.77
N GLY B 57 4.76 -13.03 -29.14
CA GLY B 57 3.67 -13.75 -29.77
C GLY B 57 3.35 -15.09 -29.17
N ARG B 58 3.99 -15.47 -28.07
CA ARG B 58 3.70 -16.74 -27.40
C ARG B 58 2.27 -16.73 -26.86
N THR B 59 1.42 -17.59 -27.40
CA THR B 59 -0.01 -17.59 -27.08
C THR B 59 -0.25 -18.48 -25.87
N TYR B 60 -0.30 -17.87 -24.69
CA TYR B 60 -0.73 -18.59 -23.50
C TYR B 60 -2.20 -18.94 -23.61
N TYR B 61 -2.56 -20.15 -23.19
CA TYR B 61 -3.91 -20.66 -23.29
C TYR B 61 -4.42 -21.09 -21.92
N ALA B 62 -5.62 -21.65 -21.92
CA ALA B 62 -6.23 -22.25 -20.74
C ALA B 62 -6.42 -23.74 -20.98
N ASP B 63 -6.22 -24.54 -19.92
CA ASP B 63 -6.31 -25.99 -20.05
C ASP B 63 -7.68 -26.43 -20.55
N SER B 64 -8.74 -25.72 -20.15
CA SER B 64 -10.08 -26.06 -20.60
C SER B 64 -10.26 -25.85 -22.10
N VAL B 65 -9.50 -24.95 -22.70
CA VAL B 65 -9.67 -24.63 -24.12
C VAL B 65 -8.36 -24.82 -24.86
N LYS B 66 -7.41 -25.52 -24.24
CA LYS B 66 -6.12 -25.74 -24.87
C LYS B 66 -6.26 -26.64 -26.09
N GLY B 67 -5.54 -26.30 -27.15
CA GLY B 67 -5.57 -27.08 -28.38
C GLY B 67 -6.74 -26.77 -29.30
N ARG B 68 -7.61 -25.84 -28.94
CA ARG B 68 -8.77 -25.50 -29.75
C ARG B 68 -8.77 -24.07 -30.24
N PHE B 69 -8.52 -23.10 -29.37
CA PHE B 69 -8.58 -21.70 -29.76
C PHE B 69 -7.45 -21.37 -30.73
N THR B 70 -7.72 -20.43 -31.64
CA THR B 70 -6.73 -19.93 -32.59
C THR B 70 -6.64 -18.42 -32.43
N VAL B 71 -5.60 -17.95 -31.75
CA VAL B 71 -5.42 -16.54 -31.45
C VAL B 71 -4.21 -16.03 -32.23
N SER B 72 -4.43 -15.02 -33.05
CA SER B 72 -3.37 -14.43 -33.87
C SER B 72 -3.47 -12.92 -33.83
N LEU B 73 -2.32 -12.27 -33.93
CA LEU B 73 -2.24 -10.81 -33.93
C LEU B 73 -1.67 -10.32 -35.26
N ASP B 74 -2.26 -9.24 -35.76
CA ASP B 74 -1.81 -8.60 -37.00
C ASP B 74 -1.47 -7.16 -36.71
N ASN B 75 -0.19 -6.81 -36.78
CA ASN B 75 0.24 -5.45 -36.49
C ASN B 75 -0.09 -4.48 -37.61
N ALA B 76 -0.45 -4.98 -38.80
CA ALA B 76 -0.82 -4.09 -39.89
C ALA B 76 -2.09 -3.32 -39.56
N LYS B 77 -3.08 -3.99 -38.98
CA LYS B 77 -4.34 -3.35 -38.60
C LYS B 77 -4.42 -3.03 -37.11
N ASN B 78 -3.38 -3.34 -36.35
CA ASN B 78 -3.33 -3.08 -34.91
C ASN B 78 -4.52 -3.70 -34.19
N THR B 79 -4.69 -5.01 -34.41
CA THR B 79 -5.84 -5.73 -33.90
C THR B 79 -5.46 -7.19 -33.63
N VAL B 80 -6.41 -7.93 -33.07
CA VAL B 80 -6.23 -9.34 -32.75
C VAL B 80 -7.45 -10.10 -33.26
N TYR B 81 -7.23 -11.35 -33.69
CA TYR B 81 -8.28 -12.17 -34.27
C TYR B 81 -8.42 -13.47 -33.48
N LEU B 82 -9.65 -13.98 -33.42
CA LEU B 82 -9.99 -15.16 -32.64
C LEU B 82 -10.84 -16.09 -33.49
N GLN B 83 -10.49 -17.38 -33.50
CA GLN B 83 -11.11 -18.36 -34.39
C GLN B 83 -11.67 -19.54 -33.60
N MET B 84 -12.92 -19.90 -33.89
CA MET B 84 -13.61 -21.05 -33.32
C MET B 84 -13.75 -22.17 -34.33
N ASN B 85 -13.66 -23.41 -33.83
CA ASN B 85 -13.90 -24.62 -34.60
C ASN B 85 -14.49 -25.67 -33.67
N SER B 86 -15.61 -26.25 -34.08
CA SER B 86 -16.29 -27.31 -33.31
C SER B 86 -16.70 -26.80 -31.92
N LEU B 87 -17.62 -25.84 -31.94
CA LEU B 87 -18.13 -25.23 -30.72
C LEU B 87 -18.76 -26.26 -29.79
N LYS B 88 -18.91 -25.86 -28.54
CA LYS B 88 -19.55 -26.64 -27.49
C LYS B 88 -20.65 -25.79 -26.85
N PRO B 89 -21.67 -26.43 -26.26
CA PRO B 89 -22.83 -25.65 -25.80
C PRO B 89 -22.51 -24.59 -24.75
N GLU B 90 -21.49 -24.81 -23.93
CA GLU B 90 -21.19 -23.86 -22.86
C GLU B 90 -20.43 -22.64 -23.35
N ASP B 91 -20.11 -22.55 -24.64
CA ASP B 91 -19.41 -21.38 -25.16
C ASP B 91 -20.27 -20.12 -25.11
N THR B 92 -21.58 -20.25 -24.96
CA THR B 92 -22.45 -19.08 -24.91
C THR B 92 -22.12 -18.21 -23.70
N ALA B 93 -21.51 -17.05 -23.96
CA ALA B 93 -21.08 -16.13 -22.92
C ALA B 93 -20.71 -14.81 -23.59
N LEU B 94 -20.44 -13.80 -22.78
CA LEU B 94 -19.98 -12.52 -23.27
C LEU B 94 -18.47 -12.57 -23.45
N TYR B 95 -18.00 -12.18 -24.63
CA TYR B 95 -16.56 -12.15 -24.92
C TYR B 95 -16.08 -10.71 -24.84
N TYR B 96 -15.13 -10.47 -23.94
CA TYR B 96 -14.49 -9.17 -23.79
C TYR B 96 -13.02 -9.29 -24.16
N CYS B 97 -12.47 -8.21 -24.72
CA CYS B 97 -11.05 -8.12 -24.99
C CYS B 97 -10.47 -6.96 -24.20
N ALA B 98 -9.33 -7.17 -23.57
CA ALA B 98 -8.71 -6.19 -22.70
C ALA B 98 -7.19 -6.29 -22.81
N ALA B 99 -6.53 -5.19 -22.48
CA ALA B 99 -5.07 -5.11 -22.51
C ALA B 99 -4.53 -4.91 -21.11
N ALA B 100 -3.20 -4.78 -21.02
CA ALA B 100 -2.54 -4.47 -19.76
C ALA B 100 -1.14 -3.92 -19.99
N TYR B 101 -0.76 -2.91 -19.23
CA TYR B 101 0.60 -2.39 -19.31
C TYR B 101 1.57 -3.37 -18.67
N ASN B 102 2.82 -3.31 -19.14
CA ASN B 102 3.85 -4.19 -18.59
C ASN B 102 4.09 -3.90 -17.11
N GLY B 103 4.17 -4.96 -16.32
CA GLY B 103 4.36 -4.83 -14.90
C GLY B 103 5.34 -5.83 -14.33
N LEU B 104 4.97 -6.47 -13.22
CA LEU B 104 5.81 -7.48 -12.59
C LEU B 104 5.23 -8.88 -12.70
N ILE B 105 3.93 -9.05 -12.42
CA ILE B 105 3.31 -10.35 -12.50
C ILE B 105 3.23 -10.79 -13.95
N ALA B 106 3.66 -12.03 -14.22
CA ALA B 106 3.59 -12.61 -15.55
C ALA B 106 2.60 -13.78 -15.49
N ALA B 107 1.31 -13.46 -15.66
CA ALA B 107 0.25 -14.43 -15.68
C ALA B 107 -0.98 -13.80 -16.32
N PRO B 108 -0.98 -13.61 -17.64
CA PRO B 108 -2.07 -12.85 -18.27
C PRO B 108 -3.35 -13.65 -18.41
N LEU B 109 -3.79 -14.28 -17.34
CA LEU B 109 -5.09 -14.96 -17.33
C LEU B 109 -5.92 -14.48 -16.14
N LYS B 110 -5.25 -13.90 -15.14
CA LYS B 110 -5.95 -13.38 -13.97
C LYS B 110 -6.82 -12.19 -14.36
N VAL B 111 -8.05 -12.17 -13.84
CA VAL B 111 -9.00 -11.12 -14.19
C VAL B 111 -8.54 -9.76 -13.68
N THR B 112 -7.92 -9.73 -12.50
CA THR B 112 -7.50 -8.47 -11.91
C THR B 112 -6.22 -7.92 -12.51
N ARG B 113 -5.51 -8.71 -13.31
CA ARG B 113 -4.23 -8.28 -13.86
C ARG B 113 -4.42 -7.17 -14.89
N TYR B 114 -5.37 -7.34 -15.80
CA TYR B 114 -5.54 -6.39 -16.90
C TYR B 114 -6.08 -5.06 -16.38
N TRP B 115 -5.70 -3.99 -17.07
CA TRP B 115 -5.98 -2.63 -16.61
C TRP B 115 -7.34 -2.12 -17.08
N TYR B 116 -7.54 -2.07 -18.40
CA TYR B 116 -8.77 -1.53 -18.96
C TYR B 116 -9.37 -2.49 -19.98
N TRP B 117 -10.69 -2.45 -20.11
CA TRP B 117 -11.44 -3.44 -20.89
C TRP B 117 -12.30 -2.77 -21.96
N GLY B 118 -13.15 -3.56 -22.60
CA GLY B 118 -14.04 -3.06 -23.64
C GLY B 118 -15.48 -3.44 -23.36
N GLN B 119 -16.35 -3.04 -24.28
CA GLN B 119 -17.79 -3.27 -24.10
C GLN B 119 -18.13 -4.75 -24.20
N GLY B 120 -17.55 -5.45 -25.18
CA GLY B 120 -17.83 -6.85 -25.39
C GLY B 120 -19.00 -7.08 -26.33
N THR B 121 -19.08 -8.32 -26.81
CA THR B 121 -20.12 -8.71 -27.77
C THR B 121 -20.80 -9.99 -27.31
N GLN B 122 -22.09 -10.09 -27.62
CA GLN B 122 -22.85 -11.29 -27.31
C GLN B 122 -22.67 -12.34 -28.40
N VAL B 123 -22.37 -13.56 -27.97
CA VAL B 123 -22.25 -14.70 -28.87
C VAL B 123 -23.03 -15.87 -28.29
N THR B 124 -23.69 -16.64 -29.16
CA THR B 124 -24.45 -17.80 -28.75
C THR B 124 -24.14 -18.96 -29.69
N VAL B 125 -24.33 -20.18 -29.18
CA VAL B 125 -24.08 -21.40 -29.92
C VAL B 125 -25.37 -22.22 -29.95
N SER B 126 -25.71 -22.74 -31.12
CA SER B 126 -26.93 -23.52 -31.28
C SER B 126 -26.63 -25.01 -31.33
C1 PLC C . -8.25 -10.12 -3.99
C2 PLC C . -7.46 -10.05 -2.68
C3 PLC C . -7.42 -11.44 -2.04
C4 PLC C . -10.71 -12.58 -5.08
C5 PLC C . -11.85 -11.81 -5.80
C6 PLC C . -13.07 -11.91 -3.73
C7 PLC C . -13.77 -13.47 -5.39
C8 PLC C . -14.15 -11.15 -5.77
C' PLC C . -5.06 -10.13 -2.28
C1' PLC C . -4.61 -9.59 -0.89
C2' PLC C . -5.16 -8.18 -0.58
C3' PLC C . -4.09 -7.28 0.11
C4' PLC C . -3.58 -7.89 1.44
C5' PLC C . -2.63 -6.91 2.21
C6' PLC C . -2.52 -7.28 3.71
C7' PLC C . -1.80 -6.19 4.54
C8' PLC C . -2.10 -6.31 6.05
C9' PLC C . -1.57 -5.10 6.86
CB PLC C . -8.73 -12.75 -0.53
C1B PLC C . -9.00 -12.41 0.96
C2B PLC C . -7.98 -11.40 1.55
C3B PLC C . -8.21 -11.14 3.07
C4B PLC C . -7.30 -10.00 3.61
C5B PLC C . -7.42 -9.83 5.15
C6B PLC C . -6.55 -8.67 5.69
C7B PLC C . -6.35 -8.75 7.23
C8B PLC C . -5.32 -7.71 7.75
C9B PLC C . -5.97 -6.38 8.18
CAA PLC C . -4.97 -5.40 8.82
CBA PLC C . -5.66 -4.21 9.51
O' PLC C . -4.47 -11.03 -2.79
OB PLC C . -8.55 -13.87 -0.85
O2 PLC C . -6.17 -9.55 -2.96
O3 PLC C . -8.71 -11.72 -1.50
O1P PLC C . -7.48 -11.99 -7.21
O2P PLC C . -9.20 -10.30 -6.71
O3P PLC C . -7.76 -11.21 -4.76
O4P PLC C . -9.62 -12.77 -5.98
N PLC C . -13.19 -12.12 -5.20
P PLC C . -8.52 -11.55 -6.20
#